data_4IJE
#
_entry.id   4IJE
#
_cell.length_a   81.012
_cell.length_b   81.012
_cell.length_c   344.410
_cell.angle_alpha   90.000
_cell.angle_beta   90.000
_cell.angle_gamma   120.000
#
_symmetry.space_group_name_H-M   'P 61 2 2'
#
loop_
_entity.id
_entity.type
_entity.pdbx_description
1 polymer 'Polymerase cofactor VP35'
2 non-polymer 'SODIUM ION'
3 non-polymer 'POTASSIUM ION'
4 non-polymer 'PHOSPHATE ION'
5 water water
#
_entity_poly.entity_id   1
_entity_poly.type   'polypeptide(L)'
_entity_poly.pdbx_seq_one_letter_code
;GHMGKPDISAKDLRNIMYDHLPGFGTAFHQLVQVICKLGKDSNSLDIIHAEFQASLAEGDSPQCALIQITKRVPIFQDAA
PPVIHIRSRGDIPRACQKSLAPVPPSPAIDAGWVCVFQLQDGKTLGLKI
;
_entity_poly.pdbx_strand_id   A,B,C,D
#
loop_
_chem_comp.id
_chem_comp.type
_chem_comp.name
_chem_comp.formula
K non-polymer 'POTASSIUM ION' 'K 1'
NA non-polymer 'SODIUM ION' 'Na 1'
PO4 non-polymer 'PHOSPHATE ION' 'O4 P -3'
#
# COMPACT_ATOMS: atom_id res chain seq x y z
N PRO A 6 17.03 -2.99 -21.23
CA PRO A 6 16.24 -2.11 -20.36
C PRO A 6 15.93 -0.79 -21.05
N ASP A 7 14.76 -0.21 -20.75
CA ASP A 7 14.42 1.09 -21.31
C ASP A 7 15.48 2.13 -20.93
N ILE A 8 16.15 1.90 -19.81
CA ILE A 8 17.18 2.82 -19.35
C ILE A 8 18.45 2.07 -18.90
N SER A 9 19.61 2.60 -19.27
CA SER A 9 20.88 2.00 -18.89
C SER A 9 21.25 2.38 -17.46
N ALA A 10 22.17 1.63 -16.86
CA ALA A 10 22.62 1.95 -15.50
C ALA A 10 23.28 3.32 -15.42
N LYS A 11 24.04 3.67 -16.45
CA LYS A 11 24.70 4.99 -16.50
C LYS A 11 23.69 6.14 -16.55
N ASP A 12 22.69 6.00 -17.43
CA ASP A 12 21.66 7.04 -17.54
C ASP A 12 20.83 7.17 -16.27
N LEU A 13 20.51 6.04 -15.63
CA LEU A 13 19.77 6.09 -14.37
C LEU A 13 20.61 6.76 -13.28
N ARG A 14 21.88 6.38 -13.21
CA ARG A 14 22.82 7.04 -12.29
C ARG A 14 22.81 8.55 -12.50
N ASN A 15 22.89 8.97 -13.75
CA ASN A 15 22.92 10.39 -14.05
C ASN A 15 21.61 11.12 -13.73
N ILE A 16 20.48 10.47 -13.97
CA ILE A 16 19.19 11.04 -13.57
C ILE A 16 19.13 11.24 -12.06
N MET A 17 19.57 10.24 -11.30
CA MET A 17 19.57 10.38 -9.84
C MET A 17 20.54 11.48 -9.37
N TYR A 18 21.72 11.54 -9.97
CA TYR A 18 22.70 12.58 -9.70
C TYR A 18 22.15 13.98 -9.98
N ASP A 19 21.34 14.10 -11.03
CA ASP A 19 20.71 15.37 -11.41
C ASP A 19 19.92 15.98 -10.27
N HIS A 20 19.44 15.13 -9.36
CA HIS A 20 18.57 15.59 -8.28
CA HIS A 20 18.57 15.59 -8.27
C HIS A 20 19.29 15.71 -6.93
N LEU A 21 20.46 15.09 -6.80
CA LEU A 21 21.16 15.10 -5.51
C LEU A 21 22.01 16.34 -5.31
N PRO A 22 21.92 16.95 -4.12
CA PRO A 22 22.77 18.07 -3.76
C PRO A 22 24.20 17.60 -3.49
N GLY A 23 25.17 18.43 -3.87
CA GLY A 23 26.56 18.18 -3.54
C GLY A 23 27.24 17.11 -4.38
N PHE A 24 28.33 16.58 -3.86
CA PHE A 24 29.17 15.65 -4.58
C PHE A 24 29.84 14.70 -3.59
N GLY A 25 29.89 13.41 -3.92
CA GLY A 25 30.51 12.43 -3.05
C GLY A 25 29.79 12.27 -1.71
N THR A 26 28.49 12.47 -1.70
CA THR A 26 27.70 12.29 -0.47
C THR A 26 27.36 10.80 -0.30
N ALA A 27 26.87 10.45 0.88
CA ALA A 27 26.41 9.08 1.14
C ALA A 27 25.36 8.66 0.11
N PHE A 28 24.53 9.61 -0.31
CA PHE A 28 23.48 9.33 -1.29
C PHE A 28 23.99 9.11 -2.73
N HIS A 29 25.09 9.74 -3.09
CA HIS A 29 25.72 9.45 -4.40
C HIS A 29 26.21 7.99 -4.41
N GLN A 30 26.83 7.60 -3.31
CA GLN A 30 27.31 6.23 -3.16
C GLN A 30 26.12 5.26 -3.21
N LEU A 31 25.05 5.62 -2.53
CA LEU A 31 23.84 4.80 -2.57
C LEU A 31 23.30 4.66 -3.99
N VAL A 32 23.33 5.76 -4.75
CA VAL A 32 22.96 5.72 -6.16
C VAL A 32 23.81 4.67 -6.90
N GLN A 33 25.12 4.71 -6.68
CA GLN A 33 25.98 3.72 -7.33
C GLN A 33 25.63 2.27 -6.96
N VAL A 34 25.42 2.01 -5.67
CA VAL A 34 25.03 0.69 -5.19
C VAL A 34 23.73 0.19 -5.84
N ILE A 35 22.74 1.09 -5.85
CA ILE A 35 21.43 0.83 -6.41
C ILE A 35 21.52 0.51 -7.90
N CYS A 36 22.31 1.28 -8.63
CA CYS A 36 22.42 1.06 -10.07
C CYS A 36 23.16 -0.23 -10.40
N LYS A 37 24.16 -0.55 -9.57
CA LYS A 37 24.89 -1.81 -9.73
C LYS A 37 23.98 -3.02 -9.52
N LEU A 38 23.44 -3.13 -8.31
CA LEU A 38 22.57 -4.26 -7.99
C LEU A 38 21.35 -4.34 -8.90
N GLY A 39 20.83 -3.17 -9.30
CA GLY A 39 19.69 -3.10 -10.17
C GLY A 39 20.00 -3.61 -11.57
N LYS A 40 21.16 -3.22 -12.09
CA LYS A 40 21.59 -3.74 -13.38
C LYS A 40 21.75 -5.25 -13.29
N ASP A 41 22.39 -5.72 -12.23
CA ASP A 41 22.65 -7.15 -12.07
C ASP A 41 21.38 -7.99 -11.90
N SER A 42 20.31 -7.38 -11.42
CA SER A 42 19.09 -8.13 -11.13
C SER A 42 17.99 -7.76 -12.11
N ASN A 43 18.37 -7.06 -13.18
CA ASN A 43 17.43 -6.60 -14.20
CA ASN A 43 17.43 -6.62 -14.19
C ASN A 43 16.27 -5.79 -13.62
N SER A 44 16.58 -4.90 -12.69
CA SER A 44 15.54 -4.12 -12.03
C SER A 44 15.61 -2.63 -12.35
N LEU A 45 16.37 -2.26 -13.38
CA LEU A 45 16.61 -0.83 -13.65
C LEU A 45 15.32 -0.04 -13.95
N ASP A 46 14.41 -0.66 -14.70
CA ASP A 46 13.17 0.02 -15.08
C ASP A 46 12.22 0.23 -13.90
N ILE A 47 12.13 -0.78 -13.04
CA ILE A 47 11.28 -0.68 -11.85
C ILE A 47 11.83 0.39 -10.91
N ILE A 48 13.15 0.37 -10.76
CA ILE A 48 13.84 1.39 -9.96
C ILE A 48 13.57 2.79 -10.50
N HIS A 49 13.75 2.97 -11.81
CA HIS A 49 13.46 4.25 -12.46
C HIS A 49 12.02 4.71 -12.23
N ALA A 50 11.08 3.80 -12.44
CA ALA A 50 9.66 4.11 -12.27
C ALA A 50 9.34 4.55 -10.85
N GLU A 51 9.87 3.80 -9.87
CA GLU A 51 9.66 4.13 -8.46
C GLU A 51 10.29 5.47 -8.06
N PHE A 52 11.50 5.74 -8.57
CA PHE A 52 12.16 7.02 -8.35
C PHE A 52 11.31 8.18 -8.89
N GLN A 53 10.87 8.05 -10.14
CA GLN A 53 10.01 9.05 -10.76
C GLN A 53 8.74 9.30 -9.94
N ALA A 54 8.09 8.22 -9.54
CA ALA A 54 6.85 8.35 -8.77
C ALA A 54 7.09 9.06 -7.45
N SER A 55 8.16 8.67 -6.75
CA SER A 55 8.51 9.30 -5.49
C SER A 55 8.75 10.80 -5.66
N LEU A 56 9.46 11.18 -6.73
CA LEU A 56 9.66 12.61 -6.98
C LEU A 56 8.34 13.33 -7.24
N ALA A 57 7.49 12.74 -8.07
CA ALA A 57 6.17 13.28 -8.35
C ALA A 57 5.32 13.46 -7.10
N GLU A 58 5.48 12.56 -6.12
CA GLU A 58 4.71 12.63 -4.88
C GLU A 58 5.20 13.73 -3.95
N GLY A 59 6.37 14.28 -4.25
CA GLY A 59 6.93 15.34 -3.43
C GLY A 59 8.00 14.86 -2.48
N ASP A 60 8.41 13.60 -2.60
CA ASP A 60 9.50 13.06 -1.78
C ASP A 60 10.79 13.76 -2.16
N SER A 61 11.71 13.91 -1.20
CA SER A 61 13.07 14.33 -1.51
C SER A 61 13.72 13.19 -2.30
N PRO A 62 14.72 13.51 -3.15
CA PRO A 62 15.41 12.44 -3.88
C PRO A 62 16.10 11.45 -2.95
N GLN A 63 16.61 11.93 -1.81
CA GLN A 63 17.19 11.06 -0.80
C GLN A 63 16.16 10.03 -0.30
N CYS A 64 15.00 10.54 0.08
CA CYS A 64 13.91 9.67 0.53
CA CYS A 64 13.89 9.69 0.52
C CYS A 64 13.52 8.69 -0.57
N ALA A 65 13.54 9.14 -1.82
CA ALA A 65 13.22 8.26 -2.94
C ALA A 65 14.20 7.09 -3.01
N LEU A 66 15.48 7.40 -2.88
CA LEU A 66 16.49 6.33 -2.90
C LEU A 66 16.28 5.34 -1.75
N ILE A 67 16.04 5.86 -0.54
CA ILE A 67 15.78 4.98 0.60
C ILE A 67 14.56 4.07 0.37
N GLN A 68 13.49 4.65 -0.14
CA GLN A 68 12.28 3.90 -0.45
CA GLN A 68 12.28 3.89 -0.44
C GLN A 68 12.57 2.80 -1.48
N ILE A 69 13.44 3.11 -2.44
CA ILE A 69 13.90 2.10 -3.40
C ILE A 69 14.55 0.93 -2.65
N THR A 70 15.44 1.24 -1.71
CA THR A 70 16.05 0.16 -0.93
C THR A 70 15.03 -0.64 -0.12
N LYS A 71 13.93 -0.01 0.26
CA LYS A 71 12.88 -0.71 1.01
C LYS A 71 11.87 -1.52 0.16
N ARG A 72 11.70 -1.15 -1.11
CA ARG A 72 10.61 -1.72 -1.92
C ARG A 72 11.08 -2.68 -3.02
N VAL A 73 12.29 -2.48 -3.52
CA VAL A 73 12.79 -3.30 -4.63
C VAL A 73 13.47 -4.56 -4.07
N PRO A 74 12.99 -5.75 -4.50
CA PRO A 74 13.35 -7.04 -3.92
C PRO A 74 14.84 -7.32 -3.78
N ILE A 75 15.66 -6.92 -4.74
CA ILE A 75 17.09 -7.20 -4.70
C ILE A 75 17.80 -6.60 -3.47
N PHE A 76 17.21 -5.54 -2.90
CA PHE A 76 17.85 -4.87 -1.77
C PHE A 76 17.44 -5.49 -0.43
N GLN A 77 16.44 -6.36 -0.45
CA GLN A 77 15.90 -6.94 0.78
C GLN A 77 16.94 -7.84 1.45
N ASP A 78 17.40 -7.40 2.63
CA ASP A 78 18.42 -8.12 3.40
C ASP A 78 19.71 -8.30 2.61
N ALA A 79 19.89 -7.47 1.59
CA ALA A 79 21.07 -7.52 0.72
C ALA A 79 22.29 -6.95 1.43
N ALA A 80 23.41 -7.66 1.33
CA ALA A 80 24.64 -7.19 1.96
C ALA A 80 25.21 -6.00 1.19
N PRO A 81 25.65 -4.97 1.92
CA PRO A 81 26.25 -3.83 1.22
C PRO A 81 27.58 -4.25 0.60
N PRO A 82 27.92 -3.67 -0.57
CA PRO A 82 29.20 -4.02 -1.20
C PRO A 82 30.38 -3.54 -0.36
N VAL A 83 31.47 -4.30 -0.41
CA VAL A 83 32.70 -3.89 0.26
C VAL A 83 33.58 -3.16 -0.74
N ILE A 84 34.02 -1.95 -0.38
CA ILE A 84 34.84 -1.15 -1.26
C ILE A 84 36.23 -1.05 -0.64
N HIS A 85 37.23 -1.54 -1.36
N HIS A 85 37.23 -1.57 -1.35
CA HIS A 85 38.59 -1.56 -0.86
CA HIS A 85 38.59 -1.56 -0.85
C HIS A 85 39.32 -0.24 -1.17
C HIS A 85 39.31 -0.25 -1.16
N ILE A 86 39.88 0.36 -0.13
CA ILE A 86 40.58 1.62 -0.26
C ILE A 86 41.89 1.58 0.49
N ARG A 87 42.79 2.52 0.19
CA ARG A 87 44.08 2.57 0.87
C ARG A 87 43.88 3.04 2.30
N SER A 88 43.42 4.28 2.45
CA SER A 88 43.22 4.88 3.75
C SER A 88 41.88 5.60 3.80
N ARG A 89 41.52 6.07 4.98
CA ARG A 89 40.26 6.76 5.21
C ARG A 89 40.16 8.00 4.32
N GLY A 90 41.31 8.55 3.94
CA GLY A 90 41.37 9.68 3.05
C GLY A 90 40.82 9.44 1.65
N ASP A 91 40.68 8.17 1.26
CA ASP A 91 40.10 7.86 -0.04
C ASP A 91 38.57 7.94 0.00
N ILE A 92 38.03 8.08 1.20
CA ILE A 92 36.59 8.26 1.35
C ILE A 92 36.29 9.73 1.10
N PRO A 93 35.28 9.98 0.23
CA PRO A 93 34.88 11.35 -0.12
C PRO A 93 34.59 12.19 1.11
N ARG A 94 34.93 13.47 1.06
CA ARG A 94 34.80 14.36 2.19
C ARG A 94 33.38 14.36 2.78
N ALA A 95 32.38 14.42 1.90
CA ALA A 95 30.99 14.47 2.31
C ALA A 95 30.50 13.16 2.95
N CYS A 96 31.28 12.10 2.84
CA CYS A 96 30.94 10.84 3.51
C CYS A 96 31.60 10.71 4.87
N GLN A 97 32.50 11.63 5.19
CA GLN A 97 33.32 11.44 6.38
C GLN A 97 32.54 11.48 7.70
N LYS A 98 31.40 12.17 7.72
CA LYS A 98 30.59 12.19 8.93
C LYS A 98 29.49 11.14 8.91
N SER A 99 29.55 10.23 7.94
CA SER A 99 28.54 9.18 7.83
C SER A 99 29.11 7.81 8.08
N LEU A 100 30.29 7.76 8.70
CA LEU A 100 30.98 6.50 8.93
C LEU A 100 30.73 6.00 10.35
N ALA A 101 30.58 4.69 10.49
CA ALA A 101 30.26 4.09 11.78
C ALA A 101 30.77 2.66 11.83
N PRO A 102 30.99 2.12 13.04
CA PRO A 102 31.44 0.73 13.18
C PRO A 102 30.48 -0.25 12.50
N VAL A 103 31.04 -1.23 11.80
CA VAL A 103 30.26 -2.21 11.05
C VAL A 103 29.75 -3.34 11.94
N PRO A 104 28.42 -3.54 11.95
CA PRO A 104 27.80 -4.63 12.71
C PRO A 104 28.02 -5.96 11.98
N PRO A 105 27.70 -7.10 12.62
CA PRO A 105 27.91 -8.42 11.98
C PRO A 105 27.17 -8.64 10.66
N SER A 106 25.87 -8.36 10.58
CA SER A 106 25.12 -8.62 9.34
C SER A 106 24.44 -7.37 8.81
N PRO A 107 25.23 -6.41 8.29
CA PRO A 107 24.65 -5.15 7.81
C PRO A 107 23.78 -5.38 6.58
N ALA A 108 22.73 -4.58 6.44
CA ALA A 108 21.85 -4.69 5.29
C ALA A 108 21.59 -3.32 4.67
N ILE A 109 21.57 -3.27 3.34
CA ILE A 109 21.36 -2.04 2.60
C ILE A 109 20.04 -1.38 3.00
N ASP A 110 18.99 -2.19 3.11
CA ASP A 110 17.65 -1.70 3.45
CA ASP A 110 17.66 -1.69 3.45
C ASP A 110 17.61 -1.05 4.83
N ALA A 111 18.61 -1.34 5.66
CA ALA A 111 18.68 -0.79 7.02
C ALA A 111 19.56 0.46 7.04
N GLY A 112 20.01 0.90 5.87
CA GLY A 112 20.78 2.12 5.76
C GLY A 112 22.29 1.94 5.69
N TRP A 113 22.75 0.70 5.58
CA TRP A 113 24.18 0.47 5.37
C TRP A 113 24.48 0.46 3.88
N VAL A 114 24.96 1.59 3.37
CA VAL A 114 25.15 1.78 1.94
C VAL A 114 26.28 0.91 1.42
N CYS A 115 27.41 0.95 2.11
CA CYS A 115 28.56 0.16 1.73
C CYS A 115 29.49 0.03 2.91
N VAL A 116 30.49 -0.84 2.77
CA VAL A 116 31.52 -0.98 3.78
C VAL A 116 32.86 -0.66 3.16
N PHE A 117 33.56 0.33 3.72
CA PHE A 117 34.91 0.65 3.26
C PHE A 117 35.88 -0.23 4.03
N GLN A 118 36.72 -0.95 3.30
CA GLN A 118 37.74 -1.79 3.92
C GLN A 118 39.13 -1.27 3.62
N LEU A 119 39.86 -0.90 4.66
CA LEU A 119 41.18 -0.32 4.49
C LEU A 119 42.14 -1.47 4.25
N GLN A 120 43.31 -1.16 3.69
CA GLN A 120 44.31 -2.19 3.40
C GLN A 120 44.73 -2.91 4.69
N ASP A 121 44.85 -2.14 5.77
CA ASP A 121 45.25 -2.69 7.06
C ASP A 121 44.18 -3.57 7.69
N GLY A 122 43.03 -3.70 7.03
CA GLY A 122 42.00 -4.61 7.46
C GLY A 122 40.83 -3.97 8.20
N LYS A 123 41.05 -2.77 8.70
CA LYS A 123 40.01 -2.04 9.43
C LYS A 123 38.86 -1.68 8.49
N THR A 124 37.63 -1.73 9.01
CA THR A 124 36.46 -1.42 8.21
C THR A 124 35.69 -0.23 8.76
N LEU A 125 35.03 0.50 7.86
CA LEU A 125 34.13 1.57 8.24
C LEU A 125 32.86 1.44 7.41
N GLY A 126 31.71 1.48 8.09
CA GLY A 126 30.44 1.37 7.40
C GLY A 126 29.87 2.72 7.06
N LEU A 127 29.39 2.86 5.83
CA LEU A 127 28.72 4.09 5.41
C LEU A 127 27.24 3.97 5.76
N LYS A 128 26.78 4.85 6.62
CA LYS A 128 25.46 4.72 7.22
CA LYS A 128 25.46 4.72 7.23
C LYS A 128 24.55 5.93 6.96
N ILE A 129 23.30 5.64 6.61
CA ILE A 129 22.27 6.67 6.56
C ILE A 129 21.11 6.24 7.46
N PRO B 6 -24.51 7.13 -4.64
CA PRO B 6 -23.37 7.85 -4.05
C PRO B 6 -23.53 9.36 -4.12
N ASP B 7 -23.01 10.05 -3.10
CA ASP B 7 -23.02 11.51 -3.05
C ASP B 7 -22.30 12.13 -4.26
N ILE B 8 -21.38 11.36 -4.82
CA ILE B 8 -20.60 11.80 -5.98
C ILE B 8 -20.53 10.72 -7.05
N SER B 9 -20.64 11.13 -8.31
CA SER B 9 -20.54 10.21 -9.43
C SER B 9 -19.07 9.90 -9.72
N ALA B 10 -18.84 8.82 -10.45
CA ALA B 10 -17.48 8.44 -10.84
C ALA B 10 -16.82 9.52 -11.70
N LYS B 11 -17.61 10.11 -12.59
CA LYS B 11 -17.12 11.17 -13.46
C LYS B 11 -16.71 12.41 -12.66
N ASP B 12 -17.59 12.83 -11.75
CA ASP B 12 -17.31 14.00 -10.92
C ASP B 12 -16.10 13.78 -10.01
N LEU B 13 -15.97 12.57 -9.48
CA LEU B 13 -14.81 12.21 -8.65
C LEU B 13 -13.52 12.24 -9.47
N ARG B 14 -13.58 11.63 -10.65
CA ARG B 14 -12.48 11.68 -11.60
C ARG B 14 -12.04 13.12 -11.84
N ASN B 15 -13.01 13.99 -12.08
CA ASN B 15 -12.71 15.40 -12.34
C ASN B 15 -12.13 16.14 -11.13
N ILE B 16 -12.63 15.83 -9.93
CA ILE B 16 -12.09 16.37 -8.70
C ILE B 16 -10.62 15.99 -8.57
N MET B 17 -10.31 14.72 -8.83
CA MET B 17 -8.92 14.27 -8.76
C MET B 17 -8.03 14.90 -9.83
N TYR B 18 -8.52 14.97 -11.07
CA TYR B 18 -7.81 15.61 -12.17
C TYR B 18 -7.51 17.07 -11.87
N ASP B 19 -8.44 17.73 -11.18
CA ASP B 19 -8.27 19.14 -10.78
C ASP B 19 -6.99 19.40 -9.99
N HIS B 20 -6.50 18.37 -9.30
N HIS B 20 -6.50 18.37 -9.31
CA HIS B 20 -5.32 18.53 -8.45
CA HIS B 20 -5.34 18.52 -8.45
C HIS B 20 -4.04 17.97 -9.07
C HIS B 20 -4.06 17.95 -9.05
N LEU B 21 -4.17 17.18 -10.12
CA LEU B 21 -3.01 16.53 -10.73
C LEU B 21 -2.29 17.42 -11.74
N PRO B 22 -0.96 17.48 -11.66
CA PRO B 22 -0.16 18.23 -12.64
C PRO B 22 -0.10 17.46 -13.97
N GLY B 23 -0.13 18.18 -15.08
CA GLY B 23 0.07 17.56 -16.37
C GLY B 23 -1.11 16.79 -16.90
N PHE B 24 -0.83 15.90 -17.85
CA PHE B 24 -1.84 15.14 -18.56
C PHE B 24 -1.29 13.79 -19.01
N GLY B 25 -2.09 12.74 -18.87
CA GLY B 25 -1.67 11.41 -19.26
C GLY B 25 -0.51 10.87 -18.43
N THR B 26 -0.45 11.29 -17.17
CA THR B 26 0.56 10.79 -16.26
C THR B 26 0.11 9.46 -15.66
N ALA B 27 1.03 8.76 -15.00
CA ALA B 27 0.69 7.52 -14.29
C ALA B 27 -0.44 7.74 -13.30
N PHE B 28 -0.44 8.91 -12.67
CA PHE B 28 -1.46 9.22 -11.68
C PHE B 28 -2.85 9.48 -12.29
N HIS B 29 -2.91 10.01 -13.52
CA HIS B 29 -4.20 10.13 -14.20
C HIS B 29 -4.78 8.72 -14.47
N GLN B 30 -3.91 7.83 -14.93
CA GLN B 30 -4.28 6.43 -15.15
CA GLN B 30 -4.28 6.44 -15.16
C GLN B 30 -4.78 5.81 -13.86
N LEU B 31 -4.06 6.07 -12.77
CA LEU B 31 -4.46 5.56 -11.45
C LEU B 31 -5.83 6.09 -11.03
N VAL B 32 -6.08 7.37 -11.30
CA VAL B 32 -7.42 7.94 -11.07
C VAL B 32 -8.48 7.17 -11.83
N GLN B 33 -8.24 6.91 -13.11
CA GLN B 33 -9.21 6.13 -13.89
C GLN B 33 -9.48 4.73 -13.30
N VAL B 34 -8.41 4.03 -12.93
CA VAL B 34 -8.56 2.73 -12.28
C VAL B 34 -9.36 2.80 -10.97
N ILE B 35 -9.01 3.78 -10.13
CA ILE B 35 -9.63 3.98 -8.83
C ILE B 35 -11.12 4.27 -9.00
N CYS B 36 -11.46 5.11 -9.97
CA CYS B 36 -12.87 5.47 -10.17
C CYS B 36 -13.66 4.30 -10.74
N LYS B 37 -13.02 3.49 -11.59
CA LYS B 37 -13.68 2.30 -12.12
C LYS B 37 -14.01 1.28 -11.01
N LEU B 38 -12.98 0.83 -10.31
CA LEU B 38 -13.19 -0.14 -9.22
C LEU B 38 -14.10 0.40 -8.13
N GLY B 39 -13.98 1.70 -7.85
CA GLY B 39 -14.79 2.34 -6.84
C GLY B 39 -16.26 2.40 -7.23
N LYS B 40 -16.53 2.76 -8.47
CA LYS B 40 -17.89 2.76 -8.97
C LYS B 40 -18.49 1.36 -8.91
N ASP B 41 -17.72 0.36 -9.37
CA ASP B 41 -18.23 -1.01 -9.39
C ASP B 41 -18.52 -1.61 -8.02
N SER B 42 -17.86 -1.11 -6.99
CA SER B 42 -18.01 -1.69 -5.65
C SER B 42 -18.77 -0.75 -4.72
N ASN B 43 -19.36 0.30 -5.30
CA ASN B 43 -20.05 1.33 -4.53
CA ASN B 43 -20.05 1.33 -4.53
C ASN B 43 -19.17 1.89 -3.42
N SER B 44 -17.92 2.21 -3.76
CA SER B 44 -16.96 2.73 -2.79
C SER B 44 -16.59 4.18 -3.10
N LEU B 45 -17.36 4.84 -3.96
CA LEU B 45 -17.00 6.18 -4.42
C LEU B 45 -16.97 7.20 -3.28
N ASP B 46 -17.91 7.09 -2.35
CA ASP B 46 -17.98 8.06 -1.27
C ASP B 46 -16.83 7.93 -0.27
N ILE B 47 -16.46 6.71 0.08
CA ILE B 47 -15.33 6.51 0.99
C ILE B 47 -14.02 6.97 0.33
N ILE B 48 -13.87 6.67 -0.96
CA ILE B 48 -12.72 7.14 -1.73
C ILE B 48 -12.65 8.67 -1.71
N HIS B 49 -13.78 9.31 -1.99
CA HIS B 49 -13.87 10.77 -1.97
C HIS B 49 -13.49 11.34 -0.60
N ALA B 50 -14.04 10.76 0.46
CA ALA B 50 -13.77 11.21 1.83
C ALA B 50 -12.29 11.11 2.16
N GLU B 51 -11.68 9.98 1.81
CA GLU B 51 -10.25 9.81 2.07
C GLU B 51 -9.39 10.78 1.27
N PHE B 52 -9.75 11.01 0.01
CA PHE B 52 -9.04 11.99 -0.83
C PHE B 52 -9.10 13.38 -0.18
N GLN B 53 -10.31 13.80 0.19
CA GLN B 53 -10.51 15.09 0.85
C GLN B 53 -9.66 15.22 2.12
N ALA B 54 -9.70 14.19 2.96
CA ALA B 54 -8.94 14.21 4.21
C ALA B 54 -7.44 14.31 3.96
N SER B 55 -6.96 13.53 3.00
CA SER B 55 -5.54 13.56 2.63
C SER B 55 -5.11 14.94 2.19
N LEU B 56 -5.94 15.59 1.38
CA LEU B 56 -5.62 16.96 0.97
C LEU B 56 -5.60 17.92 2.17
N ALA B 57 -6.61 17.82 3.03
CA ALA B 57 -6.66 18.64 4.24
C ALA B 57 -5.45 18.46 5.16
N GLU B 58 -4.91 17.24 5.21
CA GLU B 58 -3.76 16.93 6.06
C GLU B 58 -2.45 17.48 5.51
N GLY B 59 -2.47 17.90 4.24
CA GLY B 59 -1.28 18.45 3.61
C GLY B 59 -0.54 17.50 2.67
N ASP B 60 -1.10 16.32 2.43
CA ASP B 60 -0.52 15.37 1.47
C ASP B 60 -0.61 15.89 0.05
N SER B 61 0.33 15.49 -0.79
CA SER B 61 0.22 15.72 -2.24
C SER B 61 -0.95 14.87 -2.76
N PRO B 62 -1.60 15.32 -3.84
CA PRO B 62 -2.70 14.53 -4.42
C PRO B 62 -2.23 13.14 -4.86
N GLN B 63 -0.98 13.05 -5.33
CA GLN B 63 -0.37 11.77 -5.68
C GLN B 63 -0.34 10.81 -4.47
N CYS B 64 0.16 11.33 -3.35
CA CYS B 64 0.18 10.55 -2.11
C CYS B 64 -1.24 10.18 -1.67
N ALA B 65 -2.19 11.08 -1.90
CA ALA B 65 -3.58 10.82 -1.54
C ALA B 65 -4.10 9.61 -2.31
N LEU B 66 -3.84 9.59 -3.61
CA LEU B 66 -4.24 8.45 -4.44
C LEU B 66 -3.59 7.15 -3.97
N ILE B 67 -2.28 7.21 -3.70
CA ILE B 67 -1.62 6.01 -3.18
C ILE B 67 -2.24 5.50 -1.87
N GLN B 68 -2.49 6.43 -0.95
CA GLN B 68 -3.13 6.11 0.33
C GLN B 68 -4.49 5.46 0.10
N ILE B 69 -5.23 5.98 -0.88
CA ILE B 69 -6.48 5.34 -1.27
C ILE B 69 -6.25 3.88 -1.69
N THR B 70 -5.24 3.62 -2.50
CA THR B 70 -4.97 2.22 -2.88
C THR B 70 -4.61 1.35 -1.67
N LYS B 71 -4.00 1.97 -0.67
CA LYS B 71 -3.63 1.22 0.55
C LYS B 71 -4.74 1.00 1.59
N ARG B 72 -5.74 1.88 1.60
CA ARG B 72 -6.68 1.91 2.71
C ARG B 72 -8.11 1.45 2.39
N VAL B 73 -8.52 1.64 1.13
CA VAL B 73 -9.88 1.30 0.73
C VAL B 73 -9.96 -0.17 0.30
N PRO B 74 -10.87 -0.94 0.93
CA PRO B 74 -10.94 -2.40 0.80
C PRO B 74 -10.96 -2.94 -0.63
N ILE B 75 -11.66 -2.27 -1.55
CA ILE B 75 -11.75 -2.78 -2.92
C ILE B 75 -10.38 -2.94 -3.60
N PHE B 76 -9.40 -2.16 -3.16
CA PHE B 76 -8.07 -2.20 -3.77
C PHE B 76 -7.13 -3.20 -3.13
N GLN B 77 -7.54 -3.80 -2.02
CA GLN B 77 -6.66 -4.72 -1.29
C GLN B 77 -6.37 -5.97 -2.11
N ASP B 78 -5.10 -6.15 -2.45
CA ASP B 78 -4.61 -7.28 -3.26
C ASP B 78 -5.25 -7.28 -4.65
N ALA B 79 -5.77 -6.14 -5.08
CA ALA B 79 -6.47 -6.10 -6.37
C ALA B 79 -5.53 -6.16 -7.56
N ALA B 80 -5.81 -7.09 -8.46
CA ALA B 80 -5.01 -7.23 -9.69
C ALA B 80 -5.35 -6.07 -10.61
N PRO B 81 -4.32 -5.47 -11.23
CA PRO B 81 -4.54 -4.35 -12.14
C PRO B 81 -5.23 -4.76 -13.43
N PRO B 82 -6.03 -3.86 -14.01
CA PRO B 82 -6.71 -4.11 -15.28
C PRO B 82 -5.70 -4.23 -16.43
N VAL B 83 -6.01 -5.06 -17.43
CA VAL B 83 -5.20 -5.15 -18.63
C VAL B 83 -5.79 -4.27 -19.73
N ILE B 84 -4.96 -3.41 -20.31
CA ILE B 84 -5.40 -2.50 -21.35
C ILE B 84 -4.74 -2.88 -22.68
N HIS B 85 -5.56 -3.21 -23.66
N HIS B 85 -5.55 -3.22 -23.67
CA HIS B 85 -5.05 -3.65 -24.95
CA HIS B 85 -5.04 -3.67 -24.96
C HIS B 85 -4.81 -2.48 -25.88
C HIS B 85 -4.81 -2.50 -25.91
N ILE B 86 -3.59 -2.40 -26.41
CA ILE B 86 -3.21 -1.33 -27.33
C ILE B 86 -2.44 -1.96 -28.48
N ARG B 87 -2.31 -1.22 -29.58
CA ARG B 87 -1.56 -1.73 -30.73
C ARG B 87 -0.08 -1.74 -30.41
N SER B 88 0.49 -0.57 -30.16
CA SER B 88 1.92 -0.45 -29.92
C SER B 88 2.21 0.42 -28.71
N ARG B 89 3.48 0.42 -28.32
CA ARG B 89 3.93 1.18 -27.16
C ARG B 89 3.65 2.67 -27.31
N GLY B 90 3.60 3.13 -28.57
CA GLY B 90 3.31 4.53 -28.86
C GLY B 90 1.93 5.00 -28.43
N ASP B 91 1.02 4.06 -28.21
CA ASP B 91 -0.34 4.36 -27.76
C ASP B 91 -0.43 4.68 -26.27
N ILE B 92 0.68 4.46 -25.56
CA ILE B 92 0.77 4.81 -24.15
C ILE B 92 1.13 6.30 -24.07
N PRO B 93 0.40 7.07 -23.25
CA PRO B 93 0.68 8.51 -23.12
C PRO B 93 2.14 8.79 -22.78
N ARG B 94 2.69 9.85 -23.36
CA ARG B 94 4.10 10.18 -23.21
C ARG B 94 4.54 10.26 -21.74
N ALA B 95 3.70 10.88 -20.91
CA ALA B 95 4.02 11.08 -19.50
C ALA B 95 4.04 9.78 -18.71
N CYS B 96 3.58 8.69 -19.32
CA CYS B 96 3.64 7.38 -18.70
C CYS B 96 4.86 6.59 -19.14
N GLN B 97 5.57 7.08 -20.15
CA GLN B 97 6.61 6.30 -20.81
C GLN B 97 7.80 5.95 -19.93
N LYS B 98 8.06 6.76 -18.92
N LYS B 98 8.05 6.75 -18.91
CA LYS B 98 9.16 6.49 -17.99
CA LYS B 98 9.16 6.46 -18.00
C LYS B 98 8.70 5.76 -16.73
C LYS B 98 8.70 5.76 -16.73
N SER B 99 7.45 5.31 -16.72
CA SER B 99 6.93 4.58 -15.57
C SER B 99 6.61 3.14 -15.96
N LEU B 100 7.16 2.70 -17.09
CA LEU B 100 6.88 1.37 -17.61
C LEU B 100 7.97 0.38 -17.19
N ALA B 101 7.54 -0.83 -16.85
CA ALA B 101 8.46 -1.84 -16.34
C ALA B 101 7.92 -3.24 -16.62
N PRO B 102 8.81 -4.25 -16.60
CA PRO B 102 8.36 -5.63 -16.79
C PRO B 102 7.27 -6.02 -15.79
N VAL B 103 6.29 -6.78 -16.26
CA VAL B 103 5.16 -7.21 -15.44
C VAL B 103 5.61 -8.35 -14.53
N PRO B 104 5.37 -8.20 -13.22
CA PRO B 104 5.74 -9.21 -12.25
C PRO B 104 4.78 -10.40 -12.35
N PRO B 105 5.08 -11.50 -11.66
CA PRO B 105 4.19 -12.66 -11.80
C PRO B 105 2.76 -12.36 -11.38
N SER B 106 2.60 -11.63 -10.28
CA SER B 106 1.29 -11.34 -9.69
C SER B 106 1.14 -9.89 -9.28
N PRO B 107 0.97 -8.98 -10.25
CA PRO B 107 0.87 -7.55 -9.92
C PRO B 107 -0.39 -7.22 -9.12
N ALA B 108 -0.27 -6.23 -8.23
CA ALA B 108 -1.39 -5.75 -7.43
C ALA B 108 -1.38 -4.22 -7.41
N ILE B 109 -2.56 -3.61 -7.51
CA ILE B 109 -2.70 -2.15 -7.52
C ILE B 109 -2.10 -1.53 -6.27
N ASP B 110 -2.39 -2.14 -5.12
CA ASP B 110 -1.87 -1.63 -3.85
C ASP B 110 -0.35 -1.79 -3.69
N ALA B 111 0.27 -2.51 -4.63
CA ALA B 111 1.72 -2.61 -4.71
C ALA B 111 2.31 -1.62 -5.71
N GLY B 112 1.46 -0.78 -6.28
CA GLY B 112 1.91 0.26 -7.19
C GLY B 112 1.81 -0.11 -8.66
N TRP B 113 1.24 -1.27 -8.96
CA TRP B 113 1.01 -1.66 -10.35
C TRP B 113 -0.36 -1.16 -10.78
N VAL B 114 -0.35 -0.03 -11.48
CA VAL B 114 -1.58 0.67 -11.84
C VAL B 114 -2.39 -0.08 -12.88
N CYS B 115 -1.73 -0.51 -13.94
CA CYS B 115 -2.39 -1.26 -15.00
C CYS B 115 -1.35 -2.03 -15.78
N VAL B 116 -1.81 -2.95 -16.62
CA VAL B 116 -0.92 -3.68 -17.51
C VAL B 116 -1.32 -3.41 -18.95
N PHE B 117 -0.39 -2.87 -19.72
CA PHE B 117 -0.63 -2.66 -21.13
C PHE B 117 -0.24 -3.90 -21.92
N GLN B 118 -1.16 -4.38 -22.75
CA GLN B 118 -0.88 -5.53 -23.58
C GLN B 118 -0.83 -5.13 -25.06
N LEU B 119 0.33 -5.31 -25.68
CA LEU B 119 0.53 -4.87 -27.05
C LEU B 119 -0.07 -5.89 -28.01
N GLN B 120 -0.30 -5.49 -29.26
CA GLN B 120 -0.88 -6.39 -30.25
C GLN B 120 -0.01 -7.63 -30.47
N ASP B 121 1.30 -7.43 -30.50
CA ASP B 121 2.25 -8.54 -30.67
C ASP B 121 2.35 -9.47 -29.47
N GLY B 122 1.62 -9.16 -28.40
CA GLY B 122 1.56 -10.04 -27.24
C GLY B 122 2.38 -9.58 -26.04
N LYS B 123 3.31 -8.66 -26.27
CA LYS B 123 4.16 -8.15 -25.20
C LYS B 123 3.37 -7.35 -24.17
N THR B 124 3.78 -7.43 -22.91
CA THR B 124 3.13 -6.65 -21.86
C THR B 124 4.11 -5.68 -21.23
N LEU B 125 3.57 -4.55 -20.78
CA LEU B 125 4.31 -3.56 -20.02
C LEU B 125 3.47 -3.16 -18.83
N GLY B 126 4.09 -3.14 -17.65
CA GLY B 126 3.39 -2.73 -16.45
C GLY B 126 3.61 -1.26 -16.16
N LEU B 127 2.54 -0.56 -15.80
CA LEU B 127 2.64 0.84 -15.40
C LEU B 127 2.87 0.87 -13.89
N LYS B 128 4.02 1.38 -13.48
CA LYS B 128 4.48 1.25 -12.10
C LYS B 128 4.66 2.58 -11.41
N ILE B 129 4.15 2.69 -10.18
CA ILE B 129 4.45 3.81 -9.29
C ILE B 129 5.01 3.32 -7.96
N PRO C 6 -13.56 -12.78 16.02
CA PRO C 6 -14.24 -13.67 15.05
C PRO C 6 -14.63 -15.00 15.68
N ASP C 7 -15.79 -15.53 15.28
CA ASP C 7 -16.27 -16.80 15.77
C ASP C 7 -15.32 -17.96 15.48
N ILE C 8 -14.56 -17.84 14.39
CA ILE C 8 -13.62 -18.90 14.01
C ILE C 8 -12.25 -18.37 13.58
N SER C 9 -11.18 -19.04 14.01
CA SER C 9 -9.83 -18.67 13.64
C SER C 9 -9.50 -19.17 12.24
N ALA C 10 -8.45 -18.62 11.64
CA ALA C 10 -7.99 -19.06 10.33
C ALA C 10 -7.55 -20.53 10.34
N LYS C 11 -6.90 -20.95 11.43
CA LYS C 11 -6.46 -22.33 11.58
C LYS C 11 -7.64 -23.29 11.66
N ASP C 12 -8.62 -22.96 12.49
CA ASP C 12 -9.80 -23.81 12.65
C ASP C 12 -10.62 -23.89 11.36
N LEU C 13 -10.71 -22.77 10.65
CA LEU C 13 -11.40 -22.75 9.36
C LEU C 13 -10.66 -23.63 8.36
N ARG C 14 -9.33 -23.47 8.31
CA ARG C 14 -8.49 -24.33 7.49
C ARG C 14 -8.76 -25.80 7.76
N ASN C 15 -8.77 -26.18 9.02
CA ASN C 15 -9.00 -27.58 9.37
C ASN C 15 -10.40 -28.07 9.01
N ILE C 16 -11.40 -27.21 9.18
CA ILE C 16 -12.76 -27.55 8.76
C ILE C 16 -12.81 -27.83 7.25
N MET C 17 -12.14 -26.99 6.47
CA MET C 17 -12.10 -27.22 5.02
C MET C 17 -11.33 -28.49 4.64
N TYR C 18 -10.18 -28.70 5.27
CA TYR C 18 -9.37 -29.89 5.07
C TYR C 18 -10.14 -31.17 5.38
N ASP C 19 -11.00 -31.10 6.40
CA ASP C 19 -11.84 -32.22 6.80
C ASP C 19 -12.70 -32.77 5.66
N HIS C 20 -13.02 -31.91 4.70
CA HIS C 20 -13.92 -32.29 3.61
C HIS C 20 -13.22 -32.61 2.29
N LEU C 21 -11.96 -32.19 2.16
CA LEU C 21 -11.22 -32.37 0.91
C LEU C 21 -10.55 -33.74 0.81
N PRO C 22 -10.67 -34.39 -0.36
CA PRO C 22 -10.00 -35.67 -0.63
C PRO C 22 -8.50 -35.49 -0.86
N GLY C 23 -7.71 -36.45 -0.39
CA GLY C 23 -6.30 -36.46 -0.70
C GLY C 23 -5.48 -35.45 0.06
N PHE C 24 -4.30 -35.15 -0.48
CA PHE C 24 -3.34 -34.28 0.19
C PHE C 24 -2.50 -33.52 -0.82
N GLY C 25 -2.25 -32.25 -0.55
CA GLY C 25 -1.45 -31.42 -1.42
C GLY C 25 -2.09 -31.18 -2.78
N THR C 26 -3.42 -31.16 -2.82
CA THR C 26 -4.13 -30.87 -4.06
C THR C 26 -4.22 -29.37 -4.28
N ALA C 27 -4.61 -28.96 -5.50
CA ALA C 27 -4.82 -27.54 -5.79
C ALA C 27 -5.81 -26.93 -4.80
N PHE C 28 -6.78 -27.73 -4.37
CA PHE C 28 -7.79 -27.23 -3.44
C PHE C 28 -7.30 -27.03 -2.01
N HIS C 29 -6.34 -27.82 -1.56
CA HIS C 29 -5.71 -27.58 -0.25
C HIS C 29 -4.98 -26.24 -0.25
N GLN C 30 -4.26 -26.00 -1.34
CA GLN C 30 -3.55 -24.73 -1.53
C GLN C 30 -4.56 -23.59 -1.58
N LEU C 31 -5.67 -23.80 -2.28
CA LEU C 31 -6.74 -22.78 -2.32
C LEU C 31 -7.29 -22.51 -0.93
N VAL C 32 -7.46 -23.54 -0.12
CA VAL C 32 -7.86 -23.38 1.28
C VAL C 32 -6.89 -22.46 2.01
N GLN C 33 -5.59 -22.73 1.89
CA GLN C 33 -4.60 -21.85 2.53
C GLN C 33 -4.67 -20.38 2.07
N VAL C 34 -4.77 -20.19 0.75
CA VAL C 34 -4.92 -18.85 0.19
C VAL C 34 -6.17 -18.12 0.74
N ILE C 35 -7.29 -18.84 0.76
CA ILE C 35 -8.57 -18.34 1.27
C ILE C 35 -8.48 -17.96 2.74
N CYS C 36 -7.85 -18.80 3.55
CA CYS C 36 -7.77 -18.52 4.97
C CYS C 36 -6.85 -17.34 5.25
N LYS C 37 -5.77 -17.24 4.47
CA LYS C 37 -4.85 -16.10 4.57
C LYS C 37 -5.53 -14.77 4.22
N LEU C 38 -6.04 -14.67 3.00
CA LEU C 38 -6.73 -13.44 2.58
C LEU C 38 -7.95 -13.12 3.45
N GLY C 39 -8.63 -14.17 3.91
CA GLY C 39 -9.80 -14.00 4.76
C GLY C 39 -9.43 -13.43 6.10
N LYS C 40 -8.34 -13.94 6.68
CA LYS C 40 -7.81 -13.39 7.91
C LYS C 40 -7.41 -11.93 7.71
N ASP C 41 -6.71 -11.67 6.60
CA ASP C 41 -6.19 -10.35 6.27
C ASP C 41 -7.27 -9.29 5.99
N SER C 42 -8.45 -9.74 5.58
CA SER C 42 -9.54 -8.83 5.23
C SER C 42 -10.69 -8.90 6.24
N ASN C 43 -10.44 -9.58 7.36
CA ASN C 43 -11.47 -9.81 8.37
C ASN C 43 -12.75 -10.44 7.82
N SER C 44 -12.59 -11.43 6.95
CA SER C 44 -13.75 -12.04 6.30
C SER C 44 -13.97 -13.50 6.69
N LEU C 45 -13.34 -13.95 7.77
CA LEU C 45 -13.38 -15.38 8.12
C LEU C 45 -14.78 -15.92 8.42
N ASP C 46 -15.60 -15.13 9.09
CA ASP C 46 -16.94 -15.58 9.46
C ASP C 46 -17.88 -15.70 8.26
N ILE C 47 -17.81 -14.75 7.34
CA ILE C 47 -18.61 -14.82 6.11
C ILE C 47 -18.15 -16.00 5.24
N ILE C 48 -16.83 -16.19 5.15
CA ILE C 48 -16.28 -17.34 4.44
C ILE C 48 -16.81 -18.64 5.03
N HIS C 49 -16.72 -18.76 6.34
CA HIS C 49 -17.21 -19.95 7.05
C HIS C 49 -18.69 -20.20 6.78
N ALA C 50 -19.50 -19.15 6.90
CA ALA C 50 -20.95 -19.26 6.70
C ALA C 50 -21.28 -19.72 5.29
N GLU C 51 -20.60 -19.12 4.31
CA GLU C 51 -20.83 -19.51 2.91
C GLU C 51 -20.41 -20.96 2.64
N PHE C 52 -19.27 -21.37 3.19
CA PHE C 52 -18.82 -22.76 3.08
C PHE C 52 -19.88 -23.72 3.63
N GLN C 53 -20.33 -23.42 4.85
CA GLN C 53 -21.38 -24.22 5.49
C GLN C 53 -22.64 -24.32 4.64
N ALA C 54 -23.10 -23.18 4.14
CA ALA C 54 -24.31 -23.15 3.31
C ALA C 54 -24.15 -23.94 2.01
N SER C 55 -23.00 -23.79 1.35
CA SER C 55 -22.73 -24.53 0.13
C SER C 55 -22.75 -26.02 0.39
N LEU C 56 -22.15 -26.44 1.50
CA LEU C 56 -22.20 -27.87 1.86
C LEU C 56 -23.64 -28.34 2.11
N ALA C 57 -24.39 -27.56 2.87
CA ALA C 57 -25.80 -27.86 3.13
C ALA C 57 -26.64 -27.96 1.85
N GLU C 58 -26.30 -27.15 0.86
CA GLU C 58 -27.00 -27.12 -0.42
C GLU C 58 -26.68 -28.33 -1.28
N GLY C 59 -25.65 -29.07 -0.90
CA GLY C 59 -25.26 -30.27 -1.62
C GLY C 59 -24.07 -30.10 -2.55
N ASP C 60 -23.43 -28.94 -2.50
CA ASP C 60 -22.23 -28.71 -3.31
C ASP C 60 -21.09 -29.57 -2.82
N SER C 61 -20.20 -29.93 -3.73
CA SER C 61 -18.93 -30.54 -3.35
C SER C 61 -18.14 -29.49 -2.60
N PRO C 62 -17.25 -29.90 -1.70
CA PRO C 62 -16.40 -28.93 -0.99
C PRO C 62 -15.52 -28.10 -1.95
N GLN C 63 -15.07 -28.71 -3.04
CA GLN C 63 -14.33 -27.99 -4.08
C GLN C 63 -15.15 -26.84 -4.67
N CYS C 64 -16.39 -27.17 -5.05
N CYS C 64 -16.39 -27.15 -5.03
CA CYS C 64 -17.33 -26.19 -5.56
CA CYS C 64 -17.30 -26.15 -5.58
C CYS C 64 -17.61 -25.09 -4.55
C CYS C 64 -17.63 -25.08 -4.54
N ALA C 65 -17.67 -25.48 -3.27
CA ALA C 65 -17.90 -24.53 -2.19
C ALA C 65 -16.76 -23.51 -2.12
N LEU C 66 -15.53 -24.01 -2.19
CA LEU C 66 -14.36 -23.12 -2.18
C LEU C 66 -14.38 -22.16 -3.38
N ILE C 67 -14.67 -22.72 -4.55
CA ILE C 67 -14.77 -21.87 -5.73
C ILE C 67 -15.84 -20.78 -5.59
N GLN C 68 -17.00 -21.15 -5.08
CA GLN C 68 -18.07 -20.19 -4.83
C GLN C 68 -17.61 -19.11 -3.86
N ILE C 69 -16.82 -19.50 -2.86
CA ILE C 69 -16.22 -18.52 -1.97
C ILE C 69 -15.35 -17.52 -2.75
N THR C 70 -14.50 -18.03 -3.64
CA THR C 70 -13.68 -17.11 -4.44
C THR C 70 -14.53 -16.19 -5.33
N LYS C 71 -15.69 -16.66 -5.75
CA LYS C 71 -16.58 -15.84 -6.58
C LYS C 71 -17.46 -14.83 -5.82
N ARG C 72 -17.76 -15.11 -4.56
CA ARG C 72 -18.78 -14.34 -3.83
C ARG C 72 -18.26 -13.43 -2.72
N VAL C 73 -17.14 -13.80 -2.10
CA VAL C 73 -16.60 -13.00 -1.01
C VAL C 73 -15.68 -11.94 -1.64
N PRO C 74 -15.97 -10.67 -1.37
CA PRO C 74 -15.36 -9.52 -2.07
C PRO C 74 -13.83 -9.53 -2.11
N ILE C 75 -13.17 -9.98 -1.06
CA ILE C 75 -11.70 -9.97 -1.05
C ILE C 75 -11.08 -10.78 -2.20
N PHE C 76 -11.79 -11.79 -2.68
CA PHE C 76 -11.22 -12.64 -3.72
C PHE C 76 -11.52 -12.16 -5.14
N GLN C 77 -12.47 -11.23 -5.25
CA GLN C 77 -12.84 -10.71 -6.55
C GLN C 77 -11.70 -9.84 -7.06
N ASP C 78 -11.12 -10.24 -8.20
CA ASP C 78 -9.98 -9.55 -8.81
C ASP C 78 -8.75 -9.62 -7.90
N ALA C 79 -8.72 -10.56 -6.97
CA ALA C 79 -7.58 -10.68 -6.06
C ALA C 79 -6.36 -11.30 -6.74
N ALA C 80 -5.21 -10.66 -6.60
CA ALA C 80 -3.99 -11.23 -7.18
C ALA C 80 -3.56 -12.41 -6.32
N PRO C 81 -3.20 -13.54 -6.95
CA PRO C 81 -2.77 -14.72 -6.20
C PRO C 81 -1.43 -14.49 -5.52
N PRO C 82 -1.22 -15.13 -4.35
CA PRO C 82 0.07 -15.01 -3.67
C PRO C 82 1.18 -15.68 -4.46
N VAL C 83 2.38 -15.13 -4.37
CA VAL C 83 3.53 -15.78 -4.99
C VAL C 83 4.25 -16.64 -3.96
N ILE C 84 4.48 -17.91 -4.28
CA ILE C 84 5.18 -18.79 -3.37
C ILE C 84 6.54 -19.17 -3.95
N HIS C 85 7.61 -18.81 -3.25
N HIS C 85 7.60 -18.83 -3.23
CA HIS C 85 8.96 -19.09 -3.71
CA HIS C 85 8.96 -19.08 -3.69
C HIS C 85 9.45 -20.47 -3.29
C HIS C 85 9.44 -20.48 -3.28
N ILE C 86 9.91 -21.24 -4.27
CA ILE C 86 10.44 -22.59 -4.04
C ILE C 86 11.71 -22.77 -4.87
N ARG C 87 12.51 -23.79 -4.57
CA ARG C 87 13.75 -24.04 -5.32
C ARG C 87 13.46 -24.59 -6.71
N SER C 88 12.80 -25.74 -6.76
CA SER C 88 12.54 -26.40 -8.03
C SER C 88 11.09 -26.88 -8.12
N ARG C 89 10.71 -27.32 -9.31
CA ARG C 89 9.36 -27.80 -9.56
C ARG C 89 9.01 -28.99 -8.68
N GLY C 90 10.04 -29.72 -8.27
CA GLY C 90 9.86 -30.87 -7.40
C GLY C 90 9.27 -30.57 -6.03
N ASP C 91 9.36 -29.33 -5.56
CA ASP C 91 8.76 -28.96 -4.28
C ASP C 91 7.26 -28.69 -4.38
N ILE C 92 6.74 -28.66 -5.59
CA ILE C 92 5.30 -28.52 -5.76
C ILE C 92 4.72 -29.91 -5.50
N PRO C 93 3.71 -29.98 -4.63
CA PRO C 93 3.09 -31.27 -4.27
C PRO C 93 2.62 -32.05 -5.49
N ARG C 94 2.77 -33.37 -5.47
CA ARG C 94 2.45 -34.20 -6.64
C ARG C 94 1.04 -33.98 -7.19
N ALA C 95 0.07 -33.85 -6.29
CA ALA C 95 -1.32 -33.67 -6.71
C ALA C 95 -1.56 -32.32 -7.38
N CYS C 96 -0.57 -31.43 -7.33
CA CYS C 96 -0.65 -30.15 -8.03
C CYS C 96 0.05 -30.15 -9.39
N GLN C 97 0.79 -31.22 -9.68
CA GLN C 97 1.65 -31.25 -10.87
C GLN C 97 0.89 -31.23 -12.20
N LYS C 98 -0.35 -31.69 -12.18
CA LYS C 98 -1.18 -31.67 -13.38
C LYS C 98 -2.06 -30.42 -13.47
N SER C 99 -1.84 -29.48 -12.57
CA SER C 99 -2.63 -28.25 -12.53
C SER C 99 -1.82 -26.99 -12.82
N LEU C 100 -0.64 -27.15 -13.41
CA LEU C 100 0.26 -26.02 -13.63
C LEU C 100 0.19 -25.46 -15.05
N ALA C 101 0.29 -24.13 -15.16
CA ALA C 101 0.15 -23.48 -16.45
C ALA C 101 0.90 -22.15 -16.46
N PRO C 102 1.23 -21.65 -17.66
CA PRO C 102 1.90 -20.35 -17.77
C PRO C 102 1.10 -19.22 -17.13
N VAL C 103 1.79 -18.32 -16.45
CA VAL C 103 1.14 -17.22 -15.73
C VAL C 103 0.74 -16.11 -16.70
N PRO C 104 -0.54 -15.71 -16.66
CA PRO C 104 -1.05 -14.62 -17.49
C PRO C 104 -0.56 -13.27 -16.96
N PRO C 105 -0.80 -12.17 -17.71
CA PRO C 105 -0.30 -10.88 -17.23
C PRO C 105 -0.83 -10.46 -15.87
N SER C 106 -2.15 -10.53 -15.67
CA SER C 106 -2.78 -10.08 -14.44
C SER C 106 -3.71 -11.15 -13.87
N PRO C 107 -3.13 -12.22 -13.31
CA PRO C 107 -3.93 -13.34 -12.81
C PRO C 107 -4.80 -12.95 -11.62
N ALA C 108 -5.97 -13.56 -11.52
CA ALA C 108 -6.89 -13.33 -10.42
C ALA C 108 -7.42 -14.64 -9.86
N ILE C 109 -7.51 -14.71 -8.53
CA ILE C 109 -8.01 -15.90 -7.84
C ILE C 109 -9.40 -16.31 -8.30
N ASP C 110 -10.31 -15.33 -8.45
CA ASP C 110 -11.67 -15.65 -8.89
C ASP C 110 -11.73 -16.16 -10.34
N ALA C 111 -10.62 -16.03 -11.07
CA ALA C 111 -10.52 -16.62 -12.40
C ALA C 111 -9.84 -17.99 -12.33
N GLY C 112 -9.57 -18.46 -11.13
CA GLY C 112 -9.00 -19.79 -10.96
C GLY C 112 -7.50 -19.87 -10.77
N TRP C 113 -6.83 -18.72 -10.67
CA TRP C 113 -5.39 -18.72 -10.39
C TRP C 113 -5.16 -18.73 -8.87
N VAL C 114 -4.88 -19.92 -8.36
CA VAL C 114 -4.79 -20.16 -6.92
C VAL C 114 -3.55 -19.50 -6.34
N CYS C 115 -2.41 -19.75 -6.97
CA CYS C 115 -1.17 -19.15 -6.53
C CYS C 115 -0.17 -19.19 -7.69
N VAL C 116 0.94 -18.49 -7.54
CA VAL C 116 2.00 -18.54 -8.51
C VAL C 116 3.26 -19.05 -7.84
N PHE C 117 3.80 -20.14 -8.35
CA PHE C 117 5.06 -20.65 -7.86
C PHE C 117 6.17 -19.97 -8.63
N GLN C 118 7.12 -19.38 -7.90
CA GLN C 118 8.26 -18.76 -8.53
C GLN C 118 9.51 -19.54 -8.17
N LEU C 119 10.17 -20.09 -9.18
CA LEU C 119 11.35 -20.92 -8.95
C LEU C 119 12.58 -20.06 -8.75
N GLN C 120 13.61 -20.65 -8.15
CA GLN C 120 14.85 -19.93 -7.89
C GLN C 120 15.47 -19.43 -9.20
N ASP C 121 15.35 -20.24 -10.26
CA ASP C 121 15.88 -19.85 -11.57
C ASP C 121 15.09 -18.71 -12.23
N GLY C 122 14.01 -18.29 -11.58
CA GLY C 122 13.24 -17.14 -12.03
C GLY C 122 11.96 -17.50 -12.76
N LYS C 123 11.87 -18.75 -13.24
CA LYS C 123 10.69 -19.21 -13.94
C LYS C 123 9.49 -19.29 -13.01
N THR C 124 8.31 -19.01 -13.56
CA THR C 124 7.08 -19.03 -12.77
C THR C 124 6.13 -20.09 -13.32
N LEU C 125 5.33 -20.68 -12.44
CA LEU C 125 4.27 -21.60 -12.82
C LEU C 125 3.01 -21.22 -12.06
N GLY C 126 1.88 -21.09 -12.76
CA GLY C 126 0.63 -20.78 -12.11
C GLY C 126 -0.16 -22.03 -11.77
N LEU C 127 -0.73 -22.07 -10.58
CA LEU C 127 -1.60 -23.17 -10.18
C LEU C 127 -3.02 -22.83 -10.59
N LYS C 128 -3.59 -23.63 -11.49
CA LYS C 128 -4.84 -23.26 -12.14
C LYS C 128 -5.97 -24.23 -11.86
N ILE C 129 -7.14 -23.68 -11.54
CA ILE C 129 -8.37 -24.47 -11.49
C ILE C 129 -9.44 -23.83 -12.38
N PRO D 6 -5.65 16.58 35.94
CA PRO D 6 -4.85 16.84 34.75
C PRO D 6 -4.39 18.29 34.67
N ASP D 7 -3.19 18.50 34.12
CA ASP D 7 -2.64 19.83 33.89
C ASP D 7 -3.56 20.67 32.99
N ILE D 8 -4.34 19.98 32.16
CA ILE D 8 -5.26 20.62 31.24
C ILE D 8 -6.66 19.99 31.22
N SER D 9 -7.68 20.83 31.17
CA SER D 9 -9.07 20.35 31.08
C SER D 9 -9.41 19.93 29.66
N ALA D 10 -10.48 19.15 29.52
CA ALA D 10 -10.93 18.73 28.20
C ALA D 10 -11.36 19.90 27.31
N LYS D 11 -12.00 20.89 27.92
CA LYS D 11 -12.43 22.08 27.18
C LYS D 11 -11.23 22.89 26.68
N ASP D 12 -10.25 23.09 27.56
CA ASP D 12 -9.04 23.83 27.19
C ASP D 12 -8.24 23.11 26.11
N LEU D 13 -8.18 21.79 26.18
CA LEU D 13 -7.52 20.99 25.17
C LEU D 13 -8.23 21.12 23.83
N ARG D 14 -9.56 21.00 23.89
CA ARG D 14 -10.40 21.21 22.72
C ARG D 14 -10.08 22.54 22.06
N ASN D 15 -10.01 23.59 22.88
CA ASN D 15 -9.72 24.92 22.37
C ASN D 15 -8.32 25.09 21.78
N ILE D 16 -7.34 24.47 22.41
CA ILE D 16 -5.98 24.48 21.88
C ILE D 16 -5.96 23.83 20.51
N MET D 17 -6.66 22.70 20.36
CA MET D 17 -6.73 22.04 19.07
C MET D 17 -7.48 22.87 18.02
N TYR D 18 -8.60 23.46 18.41
CA TYR D 18 -9.37 24.34 17.53
C TYR D 18 -8.54 25.52 17.02
N ASP D 19 -7.65 26.02 17.89
CA ASP D 19 -6.76 27.12 17.53
C ASP D 19 -5.91 26.85 16.30
N HIS D 20 -5.64 25.58 16.03
N HIS D 20 -5.62 25.58 16.04
CA HIS D 20 -4.75 25.21 14.92
CA HIS D 20 -4.76 25.20 14.94
C HIS D 20 -5.51 24.71 13.69
C HIS D 20 -5.51 24.72 13.70
N LEU D 21 -6.79 24.36 13.87
CA LEU D 21 -7.57 23.82 12.77
C LEU D 21 -8.19 24.89 11.88
N PRO D 22 -8.07 24.72 10.56
CA PRO D 22 -8.71 25.62 9.58
C PRO D 22 -10.21 25.39 9.52
N GLY D 23 -10.96 26.46 9.32
CA GLY D 23 -12.39 26.36 9.09
C GLY D 23 -13.21 26.06 10.32
N PHE D 24 -14.41 25.54 10.09
CA PHE D 24 -15.38 25.32 11.16
C PHE D 24 -16.27 24.13 10.80
N GLY D 25 -16.54 23.27 11.76
CA GLY D 25 -17.38 22.11 11.52
C GLY D 25 -16.79 21.11 10.55
N THR D 26 -15.46 21.02 10.50
CA THR D 26 -14.81 20.04 9.63
C THR D 26 -14.78 18.69 10.32
N ALA D 27 -14.45 17.65 9.57
CA ALA D 27 -14.28 16.30 10.12
C ALA D 27 -13.29 16.30 11.28
N PHE D 28 -12.26 17.14 11.18
CA PHE D 28 -11.24 17.23 12.22
C PHE D 28 -11.68 17.92 13.51
N HIS D 29 -12.62 18.86 13.42
CA HIS D 29 -13.23 19.45 14.61
C HIS D 29 -14.00 18.39 15.40
N GLN D 30 -14.74 17.58 14.66
CA GLN D 30 -15.50 16.48 15.24
C GLN D 30 -14.52 15.50 15.88
N LEU D 31 -13.43 15.22 15.18
CA LEU D 31 -12.41 14.35 15.73
C LEU D 31 -11.84 14.90 17.04
N VAL D 32 -11.61 16.21 17.10
CA VAL D 32 -11.18 16.86 18.33
C VAL D 32 -12.18 16.57 19.45
N GLN D 33 -13.46 16.75 19.15
CA GLN D 33 -14.48 16.46 20.16
C GLN D 33 -14.44 14.99 20.66
N VAL D 34 -14.33 14.05 19.72
CA VAL D 34 -14.23 12.63 20.08
C VAL D 34 -13.00 12.33 20.97
N ILE D 35 -11.87 12.88 20.56
CA ILE D 35 -10.61 12.72 21.28
C ILE D 35 -10.69 13.29 22.69
N CYS D 36 -11.28 14.47 22.83
CA CYS D 36 -11.36 15.09 24.15
C CYS D 36 -12.34 14.37 25.07
N LYS D 37 -13.43 13.87 24.48
CA LYS D 37 -14.39 13.07 25.22
C LYS D 37 -13.77 11.77 25.76
N LEU D 38 -13.32 10.91 24.85
CA LEU D 38 -12.70 9.64 25.26
C LEU D 38 -11.45 9.85 26.12
N GLY D 39 -10.72 10.93 25.85
CA GLY D 39 -9.53 11.26 26.60
C GLY D 39 -9.86 11.64 28.02
N LYS D 40 -10.90 12.45 28.19
CA LYS D 40 -11.37 12.77 29.54
C LYS D 40 -11.83 11.50 30.26
N ASP D 41 -12.57 10.66 29.54
CA ASP D 41 -13.14 9.44 30.13
C ASP D 41 -12.07 8.45 30.60
N SER D 42 -10.90 8.52 29.99
CA SER D 42 -9.83 7.56 30.26
C SER D 42 -8.63 8.16 30.98
N ASN D 43 -8.79 9.37 31.50
CA ASN D 43 -7.69 10.10 32.14
C ASN D 43 -6.44 10.20 31.27
N SER D 44 -6.63 10.48 30.00
CA SER D 44 -5.53 10.49 29.03
C SER D 44 -5.26 11.89 28.49
N LEU D 45 -5.83 12.91 29.11
CA LEU D 45 -5.74 14.27 28.56
C LEU D 45 -4.31 14.82 28.46
N ASP D 46 -3.49 14.54 29.46
CA ASP D 46 -2.13 15.07 29.48
C ASP D 46 -1.24 14.41 28.42
N ILE D 47 -1.40 13.11 28.23
CA ILE D 47 -0.66 12.40 27.19
C ILE D 47 -1.07 12.88 25.80
N ILE D 48 -2.37 13.03 25.60
CA ILE D 48 -2.89 13.57 24.34
C ILE D 48 -2.32 14.97 24.07
N HIS D 49 -2.39 15.84 25.07
CA HIS D 49 -1.82 17.17 24.95
C HIS D 49 -0.33 17.15 24.61
N ALA D 50 0.44 16.33 25.33
CA ALA D 50 1.88 16.23 25.11
C ALA D 50 2.21 15.78 23.69
N GLU D 51 1.50 14.75 23.24
CA GLU D 51 1.70 14.23 21.89
C GLU D 51 1.32 15.24 20.81
N PHE D 52 0.22 15.96 21.02
CA PHE D 52 -0.20 17.01 20.09
C PHE D 52 0.88 18.07 19.96
N GLN D 53 1.36 18.56 21.11
CA GLN D 53 2.45 19.54 21.14
C GLN D 53 3.69 19.06 20.40
N ALA D 54 4.07 17.81 20.67
CA ALA D 54 5.25 17.23 20.03
C ALA D 54 5.08 17.13 18.52
N SER D 55 3.91 16.67 18.08
CA SER D 55 3.62 16.57 16.64
C SER D 55 3.71 17.93 15.98
N LEU D 56 3.17 18.96 16.63
CA LEU D 56 3.28 20.30 16.06
C LEU D 56 4.73 20.77 15.97
N ALA D 57 5.48 20.58 17.07
CA ALA D 57 6.91 20.93 17.08
C ALA D 57 7.72 20.21 16.00
N GLU D 58 7.33 18.98 15.70
CA GLU D 58 8.03 18.18 14.69
C GLU D 58 7.74 18.66 13.28
N GLY D 59 6.73 19.50 13.14
CA GLY D 59 6.35 20.03 11.83
C GLY D 59 5.14 19.38 11.19
N ASP D 60 4.47 18.49 11.92
CA ASP D 60 3.26 17.85 11.40
C ASP D 60 2.13 18.86 11.27
N SER D 61 1.23 18.64 10.32
CA SER D 61 0.00 19.42 10.27
C SER D 61 -0.83 19.03 11.50
N PRO D 62 -1.66 19.95 12.00
CA PRO D 62 -2.52 19.63 13.16
C PRO D 62 -3.48 18.46 12.89
N GLN D 63 -3.94 18.35 11.64
CA GLN D 63 -4.75 17.21 11.23
C GLN D 63 -3.98 15.88 11.44
N CYS D 64 -2.77 15.84 10.91
CA CYS D 64 -1.89 14.68 11.10
C CYS D 64 -1.60 14.43 12.57
N ALA D 65 -1.49 15.50 13.36
CA ALA D 65 -1.27 15.36 14.81
C ALA D 65 -2.43 14.62 15.48
N LEU D 66 -3.64 15.02 15.12
CA LEU D 66 -4.83 14.36 15.65
C LEU D 66 -4.87 12.89 15.23
N ILE D 67 -4.59 12.63 13.96
CA ILE D 67 -4.54 11.23 13.49
C ILE D 67 -3.51 10.38 14.25
N GLN D 68 -2.31 10.94 14.44
CA GLN D 68 -1.27 10.25 15.20
C GLN D 68 -1.73 9.96 16.61
N ILE D 69 -2.45 10.92 17.20
CA ILE D 69 -3.07 10.66 18.50
C ILE D 69 -3.99 9.45 18.44
N THR D 70 -4.84 9.38 17.42
CA THR D 70 -5.71 8.19 17.32
C THR D 70 -4.94 6.89 17.14
N LYS D 71 -3.76 6.96 16.52
CA LYS D 71 -2.94 5.77 16.32
C LYS D 71 -2.10 5.36 17.54
N ARG D 72 -1.78 6.31 18.40
CA ARG D 72 -0.79 6.07 19.45
C ARG D 72 -1.36 5.99 20.87
N VAL D 73 -2.47 6.68 21.11
CA VAL D 73 -3.04 6.73 22.45
C VAL D 73 -3.99 5.56 22.68
N PRO D 74 -3.72 4.76 23.73
CA PRO D 74 -4.39 3.48 23.98
C PRO D 74 -5.92 3.49 23.94
N ILE D 75 -6.57 4.53 24.45
CA ILE D 75 -8.04 4.55 24.47
C ILE D 75 -8.64 4.41 23.05
N PHE D 76 -7.88 4.80 22.04
CA PHE D 76 -8.34 4.80 20.64
C PHE D 76 -8.08 3.53 19.78
N GLN D 77 -7.37 2.53 20.30
CA GLN D 77 -6.87 1.44 19.45
C GLN D 77 -7.93 0.58 18.73
N ASP D 78 -8.94 0.11 19.43
CA ASP D 78 -9.97 -0.69 18.78
C ASP D 78 -11.28 -0.09 19.24
N ALA D 79 -11.20 1.18 19.62
CA ALA D 79 -12.33 1.92 20.14
C ALA D 79 -13.34 2.23 19.05
N ALA D 80 -14.60 1.95 19.36
CA ALA D 80 -15.70 2.22 18.45
C ALA D 80 -16.00 3.71 18.39
N PRO D 81 -16.25 4.23 17.18
CA PRO D 81 -16.57 5.65 17.10
C PRO D 81 -17.93 5.91 17.76
N PRO D 82 -18.08 7.07 18.40
CA PRO D 82 -19.35 7.37 19.05
C PRO D 82 -20.48 7.53 18.03
N VAL D 83 -21.68 7.16 18.43
CA VAL D 83 -22.87 7.35 17.59
C VAL D 83 -23.53 8.67 17.96
N ILE D 84 -23.76 9.53 16.96
CA ILE D 84 -24.41 10.81 17.20
C ILE D 84 -25.77 10.80 16.53
N HIS D 85 -26.82 10.98 17.32
N HIS D 85 -26.82 10.94 17.32
CA HIS D 85 -28.17 10.95 16.81
CA HIS D 85 -28.18 10.93 16.79
C HIS D 85 -28.59 12.33 16.28
C HIS D 85 -28.58 12.31 16.28
N ILE D 86 -29.05 12.36 15.04
CA ILE D 86 -29.48 13.61 14.42
C ILE D 86 -30.81 13.37 13.71
N ARG D 87 -31.51 14.43 13.36
CA ARG D 87 -32.79 14.29 12.68
C ARG D 87 -32.57 13.85 11.24
N SER D 88 -31.91 14.71 10.46
CA SER D 88 -31.67 14.46 9.04
C SER D 88 -30.24 14.80 8.68
N ARG D 89 -29.86 14.47 7.45
CA ARG D 89 -28.50 14.73 6.96
C ARG D 89 -28.13 16.21 7.00
N GLY D 90 -29.12 17.08 6.87
CA GLY D 90 -28.92 18.51 6.90
C GLY D 90 -28.37 19.01 8.23
N ASP D 91 -28.51 18.20 9.27
CA ASP D 91 -27.99 18.55 10.59
C ASP D 91 -26.49 18.32 10.74
N ILE D 92 -25.89 17.68 9.74
CA ILE D 92 -24.44 17.49 9.70
C ILE D 92 -23.80 18.76 9.14
N PRO D 93 -22.75 19.27 9.81
CA PRO D 93 -22.08 20.50 9.38
C PRO D 93 -21.66 20.47 7.91
N ARG D 94 -21.75 21.61 7.23
CA ARG D 94 -21.47 21.70 5.80
C ARG D 94 -20.10 21.13 5.40
N ALA D 95 -19.08 21.47 6.19
CA ALA D 95 -17.72 21.02 5.91
C ALA D 95 -17.51 19.52 6.10
N CYS D 96 -18.49 18.85 6.71
CA CYS D 96 -18.45 17.40 6.87
C CYS D 96 -19.18 16.64 5.77
N GLN D 97 -19.91 17.35 4.93
CA GLN D 97 -20.81 16.73 3.97
C GLN D 97 -20.11 15.92 2.87
N LYS D 98 -18.86 16.24 2.58
CA LYS D 98 -18.11 15.46 1.57
C LYS D 98 -17.25 14.39 2.22
N SER D 99 -17.46 14.16 3.50
CA SER D 99 -16.71 13.17 4.26
C SER D 99 -17.59 12.01 4.77
N LEU D 100 -18.77 11.87 4.19
CA LEU D 100 -19.72 10.87 4.65
C LEU D 100 -19.67 9.59 3.80
N ALA D 101 -19.83 8.45 4.44
CA ALA D 101 -19.72 7.17 3.75
C ALA D 101 -20.50 6.08 4.48
N PRO D 102 -20.85 4.99 3.79
CA PRO D 102 -21.55 3.86 4.42
C PRO D 102 -20.76 3.29 5.60
N VAL D 103 -21.45 2.94 6.69
CA VAL D 103 -20.78 2.41 7.87
C VAL D 103 -20.48 0.92 7.71
N PRO D 104 -19.19 0.55 7.82
CA PRO D 104 -18.78 -0.86 7.75
C PRO D 104 -18.96 -1.56 9.09
N PRO D 105 -18.85 -2.90 9.11
CA PRO D 105 -18.87 -3.60 10.40
C PRO D 105 -17.64 -3.20 11.22
N SER D 106 -17.77 -3.17 12.54
CA SER D 106 -16.69 -2.75 13.45
C SER D 106 -15.80 -1.62 12.95
N PRO D 107 -16.37 -0.42 12.82
CA PRO D 107 -15.56 0.73 12.39
C PRO D 107 -14.61 1.07 13.52
N ALA D 108 -13.43 1.60 13.23
CA ALA D 108 -12.50 1.97 14.28
C ALA D 108 -12.00 3.39 14.12
N ILE D 109 -11.92 4.11 15.24
CA ILE D 109 -11.47 5.50 15.24
C ILE D 109 -10.08 5.60 14.64
N ASP D 110 -9.18 4.70 15.04
CA ASP D 110 -7.81 4.72 14.52
C ASP D 110 -7.71 4.33 13.05
N ALA D 111 -8.81 3.83 12.48
CA ALA D 111 -8.87 3.57 11.04
C ALA D 111 -9.49 4.75 10.30
N GLY D 112 -9.75 5.84 11.04
CA GLY D 112 -10.25 7.06 10.44
C GLY D 112 -11.76 7.26 10.51
N TRP D 113 -12.46 6.36 11.19
CA TRP D 113 -13.89 6.54 11.39
C TRP D 113 -14.12 7.37 12.64
N VAL D 114 -14.37 8.65 12.44
CA VAL D 114 -14.45 9.62 13.54
C VAL D 114 -15.70 9.40 14.39
N CYS D 115 -16.85 9.31 13.73
CA CYS D 115 -18.11 9.10 14.42
C CYS D 115 -19.10 8.51 13.44
N VAL D 116 -20.23 8.07 13.96
CA VAL D 116 -21.33 7.59 13.14
C VAL D 116 -22.58 8.42 13.44
N PHE D 117 -23.12 9.06 12.42
CA PHE D 117 -24.35 9.82 12.56
C PHE D 117 -25.53 8.88 12.36
N GLN D 118 -26.46 8.86 13.31
CA GLN D 118 -27.65 8.04 13.15
C GLN D 118 -28.87 8.91 13.00
N LEU D 119 -29.50 8.79 11.83
CA LEU D 119 -30.63 9.62 11.45
C LEU D 119 -31.94 9.11 12.04
N GLN D 120 -32.94 9.97 12.05
CA GLN D 120 -34.26 9.62 12.58
C GLN D 120 -34.89 8.42 11.87
N ASP D 121 -34.71 8.36 10.55
CA ASP D 121 -35.24 7.25 9.77
C ASP D 121 -34.48 5.93 10.00
N GLY D 122 -33.40 6.00 10.77
CA GLY D 122 -32.66 4.80 11.12
C GLY D 122 -31.40 4.62 10.30
N LYS D 123 -31.33 5.30 9.17
CA LYS D 123 -30.15 5.23 8.30
C LYS D 123 -28.93 5.82 8.98
N THR D 124 -27.77 5.25 8.71
CA THR D 124 -26.52 5.72 9.29
C THR D 124 -25.55 6.22 8.25
N LEU D 125 -24.74 7.20 8.62
CA LEU D 125 -23.65 7.70 7.79
C LEU D 125 -22.39 7.80 8.62
N GLY D 126 -21.30 7.26 8.10
CA GLY D 126 -20.03 7.32 8.82
C GLY D 126 -19.20 8.52 8.41
N LEU D 127 -18.62 9.20 9.40
CA LEU D 127 -17.72 10.31 9.13
C LEU D 127 -16.31 9.76 8.98
N LYS D 128 -15.75 9.94 7.78
N LYS D 128 -15.75 9.94 7.78
CA LYS D 128 -14.51 9.26 7.41
CA LYS D 128 -14.51 9.26 7.41
C LYS D 128 -13.39 10.22 7.08
C LYS D 128 -13.37 10.22 7.07
N ILE D 129 -12.20 9.93 7.62
CA ILE D 129 -10.98 10.61 7.23
C ILE D 129 -9.96 9.56 6.79
NA NA E . 23.46 14.30 -1.67
K K F . 25.23 17.95 -7.02
NA NA G . 0.15 13.82 -12.47
NA NA H . 2.07 -11.80 -14.66
P PO4 I . -11.81 19.35 -3.69
O1 PO4 I . -11.09 18.05 -3.44
O2 PO4 I . -11.00 20.18 -4.65
O3 PO4 I . -11.97 20.10 -2.39
O4 PO4 I . -13.18 19.08 -4.27
P PO4 J . -18.55 -28.63 9.01
O1 PO4 J . -17.84 -29.95 8.85
O2 PO4 J . -17.99 -27.89 10.20
O3 PO4 J . -20.02 -28.88 9.24
O4 PO4 J . -18.38 -27.80 7.75
NA NA K . -10.87 26.30 14.58
NA NA L . -10.20 21.49 9.85
P PO4 M . -0.11 25.36 21.69
O1 PO4 M . -0.45 24.00 21.12
O2 PO4 M . -0.81 26.42 20.86
O3 PO4 M . -0.56 25.46 23.12
O4 PO4 M . 1.38 25.58 21.62
#